data_7DJC
#
_entry.id   7DJC
#
_cell.length_a   90.758
_cell.length_b   87.606
_cell.length_c   81.813
_cell.angle_alpha   90.000
_cell.angle_beta   94.350
_cell.angle_gamma   90.000
#
_symmetry.space_group_name_H-M   'C 1 2 1'
#
loop_
_entity.id
_entity.type
_entity.pdbx_description
1 polymer 'Na(+):neurotransmitter symporter (Snf family)'
2 non-polymer LEUCINE
3 non-polymer 'SODIUM ION'
4 non-polymer 'octyl beta-D-glucopyranoside'
5 water water
#
_entity_poly.entity_id   1
_entity_poly.type   'polypeptide(L)'
_entity_poly.pdbx_seq_one_letter_code
;MEVKREHWATRLGLILAMAGNAVGLCNFLRFPVQAAENGGGAFMIPYIIAFLLVGIPLMWIEWAMGRYGGAQGHGTTPAI
FYLLWRNRFAKILGVFGLWIPLVVAIYYVYIESWTLGFAIKFLVGLVPEPPPNATDPDSILRPFKEFLYSYIGVPKGDEP
ILKPSLFAYIVFLITMFINVSILIRGISKGIERFAKIAMPTLFILAVFLVIRVFLLETPNGTAADGLNFLWTPDFEKLKD
PGVWIAAVGAIFFTLSLGFGAIITYASYVRKDQDIVLSGLTAATLNEKAEVILGGSISIPAAVAFFGVANAVAIAKAGAF
NLGFITLPAIFSQTAGGTFLGFLWFFLLFFAGLTSSIAIMQPMIAFLEDELKLSRKHAVLWTAAIVFFSAHLVMFLNKSL
DEMDFWAGTIGVVFFGLTELIIFFWIFGADKAWEEINRGGIIKVPRIYYYVMRYITPAFLAVLLVVWAREYIPKIMEETH
WTVWITRFYIIGLFLFLTFLVFLAERRRNHESA
;
_entity_poly.pdbx_strand_id   A
#
loop_
_chem_comp.id
_chem_comp.type
_chem_comp.name
_chem_comp.formula
BOG D-saccharide 'octyl beta-D-glucopyranoside' 'C14 H28 O6'
NA non-polymer 'SODIUM ION' 'Na 1'
#
# COMPACT_ATOMS: atom_id res chain seq x y z
N ARG A 5 22.93 -13.37 7.41
CA ARG A 5 21.72 -12.69 6.98
C ARG A 5 21.88 -11.17 7.11
N GLU A 6 21.31 -10.45 6.14
CA GLU A 6 21.30 -8.99 6.21
C GLU A 6 20.49 -8.51 7.40
N HIS A 7 20.90 -7.38 7.96
CA HIS A 7 20.24 -6.79 9.11
C HIS A 7 20.17 -5.28 8.96
N TRP A 8 19.17 -4.68 9.62
CA TRP A 8 19.06 -3.23 9.66
C TRP A 8 20.22 -2.64 10.45
N ALA A 9 20.77 -1.54 9.96
CA ALA A 9 21.95 -0.95 10.56
C ALA A 9 21.61 -0.19 11.83
N THR A 10 20.65 0.73 11.77
CA THR A 10 20.31 1.59 12.88
C THR A 10 18.85 1.44 13.24
N ARG A 11 18.52 1.83 14.47
CA ARG A 11 17.12 1.82 14.92
C ARG A 11 16.29 2.82 14.12
N LEU A 12 16.86 3.99 13.83
CA LEU A 12 16.14 5.01 13.07
C LEU A 12 15.84 4.53 11.66
N GLY A 13 16.79 3.87 11.01
CA GLY A 13 16.57 3.39 9.66
C GLY A 13 15.49 2.32 9.59
N LEU A 14 15.43 1.46 10.61
CA LEU A 14 14.36 0.46 10.65
C LEU A 14 13.00 1.12 10.75
N ILE A 15 12.86 2.13 11.60
CA ILE A 15 11.58 2.82 11.75
C ILE A 15 11.17 3.47 10.44
N LEU A 16 12.10 4.20 9.81
CA LEU A 16 11.78 4.94 8.59
C LEU A 16 11.48 3.98 7.44
N ALA A 17 12.19 2.86 7.36
CA ALA A 17 11.90 1.88 6.32
C ALA A 17 10.54 1.24 6.53
N MET A 18 10.23 0.88 7.79
CA MET A 18 8.90 0.36 8.10
C MET A 18 7.83 1.42 7.92
N ALA A 19 8.13 2.67 8.27
CA ALA A 19 7.20 3.76 7.99
C ALA A 19 7.04 3.97 6.49
N GLY A 20 8.15 3.95 5.74
CA GLY A 20 8.06 4.05 4.30
C GLY A 20 7.38 2.85 3.68
N ASN A 21 7.40 1.72 4.38
CA ASN A 21 6.60 0.57 3.95
C ASN A 21 5.11 0.91 3.98
N ALA A 22 4.65 1.50 5.07
CA ALA A 22 3.22 1.77 5.24
C ALA A 22 2.79 3.05 4.53
N VAL A 23 3.52 4.15 4.74
CA VAL A 23 3.17 5.44 4.15
C VAL A 23 3.36 5.33 2.64
N GLY A 24 2.26 5.26 1.89
CA GLY A 24 2.35 5.11 0.46
C GLY A 24 1.28 5.84 -0.33
N LEU A 25 0.97 5.35 -1.54
CA LEU A 25 -0.04 5.98 -2.37
C LEU A 25 -1.40 5.99 -1.70
N CYS A 26 -1.66 5.04 -0.79
CA CYS A 26 -2.96 4.99 -0.14
C CYS A 26 -3.18 6.16 0.80
N ASN A 27 -2.12 6.66 1.43
CA ASN A 27 -2.26 7.77 2.38
C ASN A 27 -2.83 9.02 1.71
N PHE A 28 -2.54 9.22 0.43
CA PHE A 28 -2.89 10.45 -0.26
C PHE A 28 -3.89 10.27 -1.38
N LEU A 29 -4.06 9.06 -1.91
CA LEU A 29 -4.98 8.81 -3.01
C LEU A 29 -6.21 8.01 -2.61
N ARG A 30 -6.06 7.01 -1.73
CA ARG A 30 -7.14 6.11 -1.40
C ARG A 30 -7.91 6.50 -0.14
N PHE A 31 -7.20 6.89 0.92
CA PHE A 31 -7.87 7.28 2.16
C PHE A 31 -8.79 8.49 2.00
N PRO A 32 -8.42 9.58 1.32
CA PRO A 32 -9.38 10.69 1.16
C PRO A 32 -10.67 10.28 0.47
N VAL A 33 -10.59 9.36 -0.49
CA VAL A 33 -11.80 8.92 -1.19
C VAL A 33 -12.70 8.12 -0.27
N GLN A 34 -12.12 7.15 0.46
CA GLN A 34 -12.93 6.30 1.32
C GLN A 34 -13.54 7.07 2.49
N ALA A 35 -12.78 8.01 3.07
CA ALA A 35 -13.32 8.82 4.15
C ALA A 35 -14.45 9.71 3.66
N ALA A 36 -14.27 10.36 2.51
CA ALA A 36 -15.33 11.20 1.97
C ALA A 36 -16.51 10.38 1.46
N GLU A 37 -16.25 9.18 0.95
CA GLU A 37 -17.33 8.33 0.46
C GLU A 37 -18.28 7.94 1.58
N ASN A 38 -17.73 7.67 2.77
CA ASN A 38 -18.47 7.08 3.87
C ASN A 38 -18.81 8.09 4.96
N GLY A 39 -19.03 9.34 4.58
CA GLY A 39 -19.55 10.35 5.49
C GLY A 39 -18.54 11.23 6.19
N GLY A 40 -17.26 11.16 5.80
CA GLY A 40 -16.23 11.94 6.47
C GLY A 40 -15.98 11.47 7.89
N GLY A 41 -16.50 12.22 8.87
CA GLY A 41 -16.31 11.84 10.26
C GLY A 41 -17.01 10.55 10.63
N ALA A 42 -18.08 10.19 9.90
CA ALA A 42 -18.75 8.93 10.17
C ALA A 42 -17.84 7.74 9.91
N PHE A 43 -16.98 7.86 8.88
CA PHE A 43 -16.03 6.79 8.56
C PHE A 43 -14.92 6.67 9.57
N MET A 44 -14.66 7.72 10.35
CA MET A 44 -13.51 7.72 11.26
C MET A 44 -13.74 6.83 12.47
N ILE A 45 -14.98 6.77 12.97
CA ILE A 45 -15.26 5.95 14.15
C ILE A 45 -14.98 4.48 13.89
N PRO A 46 -15.43 3.88 12.78
CA PRO A 46 -14.97 2.51 12.48
C PRO A 46 -13.50 2.47 12.12
N TYR A 47 -12.96 3.52 11.49
CA TYR A 47 -11.54 3.52 11.12
C TYR A 47 -10.65 3.50 12.36
N ILE A 48 -10.98 4.31 13.37
CA ILE A 48 -10.20 4.33 14.60
C ILE A 48 -10.32 3.01 15.33
N ILE A 49 -11.54 2.47 15.43
CA ILE A 49 -11.75 1.21 16.13
C ILE A 49 -11.06 0.07 15.40
N ALA A 50 -11.07 0.10 14.06
CA ALA A 50 -10.39 -0.94 13.29
C ALA A 50 -8.88 -0.87 13.50
N PHE A 51 -8.33 0.35 13.63
CA PHE A 51 -6.90 0.50 13.87
C PHE A 51 -6.49 -0.07 15.21
N LEU A 52 -7.37 0.03 16.22
CA LEU A 52 -7.03 -0.46 17.55
C LEU A 52 -7.30 -1.95 17.71
N LEU A 53 -8.27 -2.49 16.98
CA LEU A 53 -8.63 -3.90 17.13
C LEU A 53 -8.00 -4.80 16.09
N VAL A 54 -7.58 -4.27 14.94
CA VAL A 54 -7.01 -5.05 13.85
C VAL A 54 -5.62 -4.54 13.47
N GLY A 55 -5.50 -3.24 13.19
CA GLY A 55 -4.25 -2.72 12.66
C GLY A 55 -3.08 -2.84 13.63
N ILE A 56 -3.27 -2.38 14.86
CA ILE A 56 -2.20 -2.46 15.86
C ILE A 56 -1.85 -3.91 16.21
N PRO A 57 -2.79 -4.78 16.58
CA PRO A 57 -2.37 -6.14 16.96
C PRO A 57 -1.77 -6.94 15.81
N LEU A 58 -2.28 -6.78 14.58
CA LEU A 58 -1.68 -7.45 13.45
C LEU A 58 -0.31 -6.88 13.10
N MET A 59 -0.05 -5.63 13.47
CA MET A 59 1.30 -5.07 13.30
C MET A 59 2.30 -5.84 14.16
N TRP A 60 2.02 -5.97 15.45
CA TRP A 60 2.92 -6.68 16.36
C TRP A 60 3.08 -8.14 15.96
N ILE A 61 2.00 -8.76 15.49
CA ILE A 61 2.05 -10.18 15.11
C ILE A 61 2.98 -10.39 13.92
N GLU A 62 2.86 -9.53 12.90
CA GLU A 62 3.73 -9.68 11.73
C GLU A 62 5.17 -9.36 12.06
N TRP A 63 5.40 -8.38 12.96
CA TRP A 63 6.76 -8.11 13.42
C TRP A 63 7.35 -9.32 14.13
N ALA A 64 6.54 -10.02 14.94
CA ALA A 64 7.02 -11.18 15.66
C ALA A 64 7.35 -12.33 14.71
N MET A 65 6.40 -12.67 13.83
CA MET A 65 6.61 -13.78 12.90
C MET A 65 7.80 -13.52 11.99
N GLY A 66 8.00 -12.27 11.58
CA GLY A 66 9.15 -11.95 10.75
C GLY A 66 10.46 -12.13 11.47
N ARG A 67 10.59 -11.51 12.65
CA ARG A 67 11.81 -11.64 13.43
C ARG A 67 12.04 -13.08 13.87
N TYR A 68 10.95 -13.80 14.18
CA TYR A 68 11.08 -15.21 14.55
C TYR A 68 11.65 -16.01 13.39
N GLY A 69 11.03 -15.89 12.20
CA GLY A 69 11.53 -16.62 11.05
C GLY A 69 12.89 -16.13 10.59
N GLY A 70 13.11 -14.81 10.64
CA GLY A 70 14.40 -14.29 10.25
C GLY A 70 15.55 -14.82 11.08
N ALA A 71 15.29 -15.09 12.37
CA ALA A 71 16.32 -15.68 13.22
C ALA A 71 16.76 -17.04 12.71
N GLN A 72 15.86 -17.77 12.04
CA GLN A 72 16.18 -19.04 11.41
C GLN A 72 16.47 -18.91 9.92
N GLY A 73 16.70 -17.70 9.43
CA GLY A 73 17.06 -17.51 8.05
C GLY A 73 15.92 -17.65 7.06
N HIS A 74 14.68 -17.37 7.48
CA HIS A 74 13.50 -17.50 6.64
C HIS A 74 12.68 -16.24 6.75
N GLY A 75 12.67 -15.43 5.69
CA GLY A 75 11.99 -14.15 5.71
C GLY A 75 10.56 -14.14 5.20
N THR A 76 10.12 -15.20 4.55
CA THR A 76 8.81 -15.22 3.92
C THR A 76 7.93 -16.32 4.53
N THR A 77 6.62 -16.18 4.31
CA THR A 77 5.61 -16.99 4.97
C THR A 77 5.55 -18.45 4.54
N PRO A 78 5.92 -18.83 3.30
CA PRO A 78 5.97 -20.27 2.99
C PRO A 78 6.82 -21.07 3.96
N ALA A 79 7.90 -20.48 4.47
CA ALA A 79 8.74 -21.15 5.46
C ALA A 79 8.34 -20.80 6.89
N ILE A 80 7.97 -19.55 7.14
CA ILE A 80 7.64 -19.12 8.50
C ILE A 80 6.36 -19.82 8.99
N PHE A 81 5.36 -19.93 8.12
CA PHE A 81 4.16 -20.68 8.50
C PHE A 81 4.48 -22.12 8.88
N TYR A 82 5.44 -22.72 8.16
CA TYR A 82 5.85 -24.08 8.48
C TYR A 82 6.62 -24.14 9.80
N LEU A 83 7.34 -23.06 10.14
CA LEU A 83 8.03 -23.02 11.42
C LEU A 83 7.04 -22.89 12.58
N LEU A 84 5.87 -22.30 12.33
CA LEU A 84 4.84 -22.18 13.35
C LEU A 84 3.80 -23.29 13.29
N TRP A 85 3.76 -24.03 12.20
CA TRP A 85 2.80 -25.13 12.02
C TRP A 85 3.43 -26.15 11.08
N ARG A 86 3.80 -27.31 11.64
CA ARG A 86 4.54 -28.34 10.91
C ARG A 86 3.58 -29.14 10.02
N ASN A 87 3.04 -28.45 9.03
CA ASN A 87 2.09 -29.06 8.10
C ASN A 87 2.41 -28.56 6.70
N ARG A 88 2.24 -29.43 5.71
CA ARG A 88 2.46 -29.04 4.33
C ARG A 88 1.44 -28.00 3.88
N PHE A 89 0.25 -28.01 4.49
CA PHE A 89 -0.75 -27.00 4.16
C PHE A 89 -0.35 -25.62 4.63
N ALA A 90 0.57 -25.53 5.61
CA ALA A 90 1.09 -24.23 6.02
C ALA A 90 1.99 -23.62 4.96
N LYS A 91 2.74 -24.46 4.22
CA LYS A 91 3.51 -23.95 3.10
C LYS A 91 2.61 -23.46 1.97
N ILE A 92 1.48 -24.15 1.75
CA ILE A 92 0.57 -23.75 0.69
C ILE A 92 -0.08 -22.41 1.05
N LEU A 93 -0.57 -22.29 2.29
CA LEU A 93 -1.13 -21.02 2.73
C LEU A 93 -0.08 -19.91 2.72
N GLY A 94 1.18 -20.26 2.99
CA GLY A 94 2.25 -19.27 2.96
C GLY A 94 2.51 -18.68 1.59
N VAL A 95 2.14 -19.39 0.52
CA VAL A 95 2.36 -18.88 -0.83
C VAL A 95 1.65 -17.56 -1.03
N PHE A 96 0.51 -17.35 -0.34
CA PHE A 96 -0.18 -16.05 -0.43
C PHE A 96 0.71 -14.92 0.06
N GLY A 97 1.63 -15.20 1.00
CA GLY A 97 2.61 -14.21 1.41
C GLY A 97 3.61 -13.87 0.33
N LEU A 98 3.70 -14.68 -0.72
CA LEU A 98 4.44 -14.33 -1.92
C LEU A 98 3.54 -13.86 -3.05
N TRP A 99 2.32 -14.41 -3.11
CA TRP A 99 1.41 -14.08 -4.22
C TRP A 99 0.82 -12.69 -4.04
N ILE A 100 0.31 -12.39 -2.83
CA ILE A 100 -0.30 -11.08 -2.60
C ILE A 100 0.67 -9.93 -2.88
N PRO A 101 1.87 -9.88 -2.30
CA PRO A 101 2.75 -8.73 -2.58
C PRO A 101 3.20 -8.67 -4.03
N LEU A 102 3.35 -9.81 -4.70
CA LEU A 102 3.76 -9.80 -6.10
C LEU A 102 2.65 -9.25 -6.98
N VAL A 103 1.41 -9.72 -6.78
CA VAL A 103 0.30 -9.25 -7.59
C VAL A 103 0.06 -7.76 -7.36
N VAL A 104 0.08 -7.33 -6.10
CA VAL A 104 -0.12 -5.91 -5.80
C VAL A 104 0.98 -5.07 -6.43
N ALA A 105 2.23 -5.54 -6.38
CA ALA A 105 3.32 -4.81 -7.01
C ALA A 105 3.13 -4.68 -8.52
N ILE A 106 2.48 -5.67 -9.15
CA ILE A 106 2.32 -5.67 -10.60
C ILE A 106 1.51 -4.46 -11.07
N TYR A 107 0.55 -4.00 -10.26
CA TYR A 107 -0.17 -2.79 -10.61
C TYR A 107 0.26 -1.57 -9.79
N TYR A 108 0.89 -1.77 -8.64
CA TYR A 108 1.29 -0.64 -7.79
C TYR A 108 2.42 0.16 -8.43
N VAL A 109 3.47 -0.54 -8.90
CA VAL A 109 4.62 0.13 -9.50
C VAL A 109 4.22 0.85 -10.78
N TYR A 110 3.18 0.38 -11.47
CA TYR A 110 2.73 1.08 -12.66
C TYR A 110 2.03 2.39 -12.30
N ILE A 111 1.18 2.37 -11.29
CA ILE A 111 0.56 3.62 -10.82
C ILE A 111 1.62 4.56 -10.28
N GLU A 112 2.63 4.01 -9.60
CA GLU A 112 3.75 4.81 -9.15
C GLU A 112 4.46 5.47 -10.34
N SER A 113 4.55 4.76 -11.47
CA SER A 113 5.17 5.35 -12.65
C SER A 113 4.33 6.49 -13.21
N TRP A 114 3.02 6.49 -12.95
CA TRP A 114 2.19 7.61 -13.36
C TRP A 114 2.61 8.88 -12.63
N THR A 115 2.82 8.77 -11.31
CA THR A 115 3.22 9.94 -10.52
C THR A 115 4.58 10.47 -10.93
N LEU A 116 5.51 9.58 -11.33
CA LEU A 116 6.80 10.05 -11.81
C LEU A 116 6.66 10.78 -13.14
N GLY A 117 5.90 10.19 -14.08
CA GLY A 117 5.71 10.84 -15.36
C GLY A 117 4.99 12.17 -15.25
N PHE A 118 3.99 12.25 -14.37
CA PHE A 118 3.29 13.52 -14.16
C PHE A 118 4.20 14.54 -13.50
N ALA A 119 4.98 14.12 -12.50
CA ALA A 119 5.91 15.04 -11.85
C ALA A 119 6.93 15.58 -12.83
N ILE A 120 7.36 14.76 -13.78
CA ILE A 120 8.31 15.23 -14.80
C ILE A 120 7.64 16.27 -15.70
N LYS A 121 6.47 15.93 -16.24
CA LYS A 121 5.79 16.86 -17.14
C LYS A 121 5.34 18.12 -16.43
N PHE A 122 5.03 18.03 -15.13
CA PHE A 122 4.61 19.22 -14.39
C PHE A 122 5.80 20.09 -14.00
N LEU A 123 6.99 19.50 -13.90
CA LEU A 123 8.18 20.29 -13.59
C LEU A 123 8.64 21.07 -14.82
N VAL A 124 8.77 20.39 -15.96
CA VAL A 124 9.09 21.08 -17.21
C VAL A 124 7.94 21.94 -17.72
N GLY A 125 6.76 21.86 -17.12
CA GLY A 125 5.66 22.69 -17.57
C GLY A 125 4.93 22.20 -18.80
N LEU A 126 5.08 20.93 -19.15
CA LEU A 126 4.39 20.35 -20.30
C LEU A 126 3.04 19.82 -19.83
N VAL A 127 2.19 20.75 -19.41
CA VAL A 127 0.89 20.45 -18.81
C VAL A 127 -0.17 21.17 -19.62
N PRO A 128 -1.42 20.74 -19.51
CA PRO A 128 -2.49 21.43 -20.26
C PRO A 128 -2.74 22.81 -19.70
N GLU A 129 -3.05 23.74 -20.60
CA GLU A 129 -3.29 25.13 -20.25
C GLU A 129 -4.75 25.49 -20.49
N PRO A 130 -5.60 25.53 -19.46
CA PRO A 130 -7.00 25.90 -19.66
C PRO A 130 -7.17 27.40 -19.70
N PRO A 131 -8.23 27.89 -20.35
CA PRO A 131 -8.50 29.33 -20.40
C PRO A 131 -9.45 29.73 -19.29
N PRO A 132 -9.92 30.99 -19.26
CA PRO A 132 -10.95 31.27 -18.24
C PRO A 132 -12.31 30.67 -18.60
N PRO A 137 -16.77 24.79 -15.00
CA PRO A 137 -15.80 23.79 -14.49
C PRO A 137 -15.32 22.81 -15.53
N ASP A 138 -16.19 22.35 -16.44
CA ASP A 138 -15.78 21.36 -17.43
C ASP A 138 -14.80 21.91 -18.44
N SER A 139 -14.73 23.24 -18.60
CA SER A 139 -13.82 23.82 -19.58
C SER A 139 -12.36 23.75 -19.13
N ILE A 140 -12.12 23.70 -17.82
CA ILE A 140 -10.77 23.55 -17.27
C ILE A 140 -10.48 22.12 -16.85
N LEU A 141 -11.50 21.33 -16.50
CA LEU A 141 -11.26 19.93 -16.12
C LEU A 141 -11.00 19.04 -17.33
N ARG A 142 -11.62 19.34 -18.47
CA ARG A 142 -11.44 18.51 -19.65
C ARG A 142 -9.99 18.45 -20.14
N PRO A 143 -9.23 19.54 -20.20
CA PRO A 143 -7.81 19.41 -20.60
C PRO A 143 -7.00 18.51 -19.68
N PHE A 144 -7.37 18.41 -18.41
CA PHE A 144 -6.66 17.53 -17.48
C PHE A 144 -7.21 16.10 -17.51
N LYS A 145 -8.51 15.93 -17.73
CA LYS A 145 -9.06 14.60 -17.94
C LYS A 145 -8.45 13.94 -19.17
N GLU A 146 -8.35 14.70 -20.27
CA GLU A 146 -7.71 14.19 -21.48
C GLU A 146 -6.20 14.00 -21.30
N PHE A 147 -5.59 14.75 -20.39
CA PHE A 147 -4.16 14.58 -20.15
C PHE A 147 -3.86 13.23 -19.54
N LEU A 148 -4.65 12.80 -18.55
CA LEU A 148 -4.48 11.47 -17.99
C LEU A 148 -4.90 10.38 -18.96
N TYR A 149 -5.98 10.63 -19.72
CA TYR A 149 -6.48 9.61 -20.63
C TYR A 149 -5.48 9.32 -21.76
N SER A 150 -4.76 10.34 -22.21
CA SER A 150 -3.71 10.11 -23.21
C SER A 150 -2.49 9.44 -22.60
N TYR A 151 -2.24 9.68 -21.31
CA TYR A 151 -1.05 9.10 -20.67
C TYR A 151 -1.19 7.60 -20.54
N ILE A 152 -2.30 7.13 -19.95
CA ILE A 152 -2.51 5.70 -19.77
C ILE A 152 -3.16 5.04 -20.99
N GLY A 153 -3.84 5.80 -21.84
CA GLY A 153 -4.43 5.26 -23.04
C GLY A 153 -5.82 4.70 -22.85
N VAL A 154 -6.70 5.47 -22.23
CA VAL A 154 -8.08 5.05 -21.99
C VAL A 154 -8.73 4.67 -23.32
N PRO A 155 -9.46 3.56 -23.39
CA PRO A 155 -10.08 3.16 -24.66
C PRO A 155 -11.08 4.20 -25.16
N LYS A 156 -11.08 4.40 -26.47
CA LYS A 156 -12.02 5.32 -27.10
C LYS A 156 -13.25 4.62 -27.69
N GLY A 157 -13.19 3.30 -27.85
CA GLY A 157 -14.31 2.54 -28.37
C GLY A 157 -14.82 1.51 -27.38
N ASP A 158 -15.33 0.40 -27.89
CA ASP A 158 -15.84 -0.66 -27.02
C ASP A 158 -14.76 -1.65 -26.59
N GLU A 159 -13.68 -1.76 -27.34
CA GLU A 159 -12.62 -2.71 -26.98
C GLU A 159 -11.97 -2.28 -25.67
N PRO A 160 -11.87 -3.19 -24.68
CA PRO A 160 -11.28 -2.85 -23.38
C PRO A 160 -9.76 -2.82 -23.40
N ILE A 161 -9.19 -2.07 -24.34
CA ILE A 161 -7.76 -2.08 -24.62
C ILE A 161 -7.18 -0.72 -24.25
N LEU A 162 -6.19 -0.73 -23.36
CA LEU A 162 -5.42 0.46 -23.03
C LEU A 162 -4.23 0.57 -23.96
N LYS A 163 -3.95 1.79 -24.41
CA LYS A 163 -2.81 2.09 -25.27
C LYS A 163 -1.95 3.16 -24.59
N PRO A 164 -1.03 2.75 -23.71
CA PRO A 164 -0.21 3.75 -23.01
C PRO A 164 0.63 4.56 -23.98
N SER A 165 0.95 5.78 -23.58
CA SER A 165 1.82 6.61 -24.40
C SER A 165 3.25 6.08 -24.33
N LEU A 166 4.04 6.43 -25.35
CA LEU A 166 5.46 6.08 -25.33
C LEU A 166 6.14 6.65 -24.10
N PHE A 167 5.77 7.87 -23.70
CA PHE A 167 6.34 8.47 -22.51
C PHE A 167 5.97 7.68 -21.26
N ALA A 168 4.70 7.31 -21.12
CA ALA A 168 4.27 6.53 -19.97
C ALA A 168 4.99 5.19 -19.90
N TYR A 169 5.19 4.55 -21.06
CA TYR A 169 5.88 3.27 -21.07
C TYR A 169 7.35 3.42 -20.69
N ILE A 170 7.99 4.48 -21.19
CA ILE A 170 9.40 4.71 -20.85
C ILE A 170 9.56 5.05 -19.38
N VAL A 171 8.65 5.87 -18.83
CA VAL A 171 8.72 6.21 -17.40
C VAL A 171 8.52 4.97 -16.55
N PHE A 172 7.72 4.00 -17.02
CA PHE A 172 7.58 2.75 -16.29
C PHE A 172 8.89 1.97 -16.27
N LEU A 173 9.63 1.95 -17.38
CA LEU A 173 10.95 1.34 -17.36
C LEU A 173 11.88 2.06 -16.40
N ILE A 174 11.82 3.40 -16.37
CA ILE A 174 12.63 4.16 -15.42
C ILE A 174 12.21 3.84 -13.99
N THR A 175 10.89 3.81 -13.74
CA THR A 175 10.39 3.51 -12.40
C THR A 175 10.87 2.15 -11.92
N MET A 176 10.79 1.14 -12.79
CA MET A 176 11.32 -0.17 -12.43
C MET A 176 12.82 -0.10 -12.14
N PHE A 177 13.56 0.70 -12.92
CA PHE A 177 14.99 0.83 -12.70
C PHE A 177 15.28 1.45 -11.34
N ILE A 178 14.51 2.46 -10.95
CA ILE A 178 14.75 3.11 -9.66
C ILE A 178 14.43 2.14 -8.52
N ASN A 179 13.41 1.30 -8.68
CA ASN A 179 13.12 0.26 -7.69
C ASN A 179 14.26 -0.75 -7.60
N VAL A 180 14.82 -1.14 -8.75
CA VAL A 180 15.88 -2.14 -8.76
C VAL A 180 17.16 -1.57 -8.15
N SER A 181 17.49 -0.33 -8.48
CA SER A 181 18.73 0.27 -7.95
C SER A 181 18.71 0.35 -6.43
N ILE A 182 17.53 0.57 -5.84
CA ILE A 182 17.43 0.61 -4.39
C ILE A 182 17.45 -0.80 -3.81
N LEU A 183 16.71 -1.73 -4.42
CA LEU A 183 16.59 -3.08 -3.87
C LEU A 183 17.89 -3.86 -4.01
N ILE A 184 18.60 -3.69 -5.13
CA ILE A 184 19.79 -4.49 -5.38
C ILE A 184 20.94 -4.10 -4.44
N ARG A 185 20.86 -2.95 -3.77
CA ARG A 185 21.87 -2.57 -2.81
C ARG A 185 21.65 -3.21 -1.44
N GLY A 186 20.53 -3.88 -1.23
CA GLY A 186 20.31 -4.63 -0.02
C GLY A 186 19.37 -3.95 0.96
N ILE A 187 19.34 -4.50 2.17
CA ILE A 187 18.47 -3.97 3.21
C ILE A 187 19.03 -2.69 3.79
N SER A 188 20.23 -2.74 4.36
CA SER A 188 20.79 -1.57 5.04
C SER A 188 21.28 -0.53 4.05
N LYS A 189 22.13 -0.94 3.10
CA LYS A 189 22.70 -0.01 2.14
C LYS A 189 21.72 0.44 1.06
N GLY A 190 20.59 -0.26 0.91
CA GLY A 190 19.61 0.11 -0.10
C GLY A 190 18.30 0.63 0.47
N ILE A 191 17.50 -0.28 1.03
CA ILE A 191 16.18 0.10 1.52
C ILE A 191 16.30 1.08 2.70
N GLU A 192 17.19 0.78 3.64
CA GLU A 192 17.32 1.60 4.83
C GLU A 192 17.96 2.95 4.51
N ARG A 193 18.99 2.95 3.66
CA ARG A 193 19.65 4.19 3.30
C ARG A 193 18.72 5.12 2.54
N PHE A 194 17.83 4.55 1.71
CA PHE A 194 16.87 5.37 0.98
C PHE A 194 15.75 5.88 1.89
N ALA A 195 15.41 5.12 2.93
CA ALA A 195 14.34 5.55 3.82
C ALA A 195 14.72 6.77 4.64
N LYS A 196 16.00 6.89 5.01
CA LYS A 196 16.46 8.06 5.75
C LYS A 196 16.40 9.32 4.90
N ILE A 197 16.44 9.19 3.58
CA ILE A 197 16.35 10.34 2.69
C ILE A 197 14.91 10.62 2.28
N ALA A 198 14.13 9.57 1.99
CA ALA A 198 12.83 9.75 1.38
C ALA A 198 11.77 10.16 2.38
N MET A 199 11.80 9.61 3.59
CA MET A 199 10.77 9.94 4.59
C MET A 199 10.81 11.40 5.02
N PRO A 200 11.96 12.00 5.33
CA PRO A 200 11.94 13.46 5.61
C PRO A 200 11.52 14.29 4.41
N THR A 201 11.96 13.90 3.21
CA THR A 201 11.51 14.59 2.00
C THR A 201 10.00 14.44 1.82
N LEU A 202 9.47 13.27 2.15
CA LEU A 202 8.02 13.05 2.07
C LEU A 202 7.27 13.93 3.06
N PHE A 203 7.76 13.99 4.30
CA PHE A 203 7.07 14.76 5.34
C PHE A 203 7.09 16.25 5.02
N ILE A 204 8.21 16.77 4.53
CA ILE A 204 8.30 18.20 4.22
C ILE A 204 7.38 18.56 3.08
N LEU A 205 7.36 17.75 2.02
CA LEU A 205 6.48 18.02 0.89
C LEU A 205 5.02 17.96 1.31
N ALA A 206 4.66 17.02 2.18
CA ALA A 206 3.27 16.90 2.62
C ALA A 206 2.86 18.08 3.49
N VAL A 207 3.72 18.47 4.44
CA VAL A 207 3.39 19.60 5.31
C VAL A 207 3.25 20.88 4.49
N PHE A 208 4.13 21.08 3.51
CA PHE A 208 4.03 22.27 2.66
C PHE A 208 2.73 22.26 1.87
N LEU A 209 2.38 21.13 1.26
CA LEU A 209 1.13 21.03 0.51
C LEU A 209 -0.06 21.25 1.42
N VAL A 210 -0.02 20.70 2.63
CA VAL A 210 -1.10 20.94 3.60
C VAL A 210 -1.22 22.42 3.91
N ILE A 211 -0.09 23.07 4.18
CA ILE A 211 -0.09 24.50 4.48
C ILE A 211 -0.63 25.30 3.30
N ARG A 212 -0.11 25.03 2.11
CA ARG A 212 -0.56 25.75 0.93
C ARG A 212 -2.03 25.50 0.63
N VAL A 213 -2.50 24.27 0.85
CA VAL A 213 -3.92 23.97 0.63
C VAL A 213 -4.78 24.69 1.66
N PHE A 214 -4.30 24.78 2.91
CA PHE A 214 -5.05 25.46 3.94
C PHE A 214 -5.28 26.93 3.63
N LEU A 215 -4.48 27.51 2.73
CA LEU A 215 -4.65 28.89 2.30
C LEU A 215 -5.61 29.03 1.13
N LEU A 216 -6.17 27.93 0.62
CA LEU A 216 -7.08 28.00 -0.50
C LEU A 216 -8.43 28.54 -0.05
N GLU A 217 -8.96 29.50 -0.81
CA GLU A 217 -10.27 30.07 -0.52
C GLU A 217 -10.89 30.56 -1.82
N THR A 218 -12.16 30.22 -2.03
CA THR A 218 -12.94 30.66 -3.18
C THR A 218 -14.34 31.01 -2.70
N PRO A 219 -15.20 31.60 -3.56
CA PRO A 219 -16.59 31.82 -3.13
C PRO A 219 -17.32 30.56 -2.71
N ASN A 220 -16.89 29.38 -3.19
CA ASN A 220 -17.60 28.14 -2.89
C ASN A 220 -17.27 27.56 -1.52
N GLY A 221 -16.18 28.00 -0.90
CA GLY A 221 -15.82 27.51 0.41
C GLY A 221 -14.34 27.69 0.67
N THR A 222 -13.92 27.14 1.81
CA THR A 222 -12.53 27.19 2.25
C THR A 222 -12.04 25.78 2.54
N ALA A 223 -10.73 25.65 2.73
CA ALA A 223 -10.16 24.36 3.09
C ALA A 223 -10.62 23.91 4.48
N ALA A 224 -10.92 24.87 5.37
CA ALA A 224 -11.38 24.52 6.70
C ALA A 224 -12.75 23.84 6.66
N ASP A 225 -13.56 24.13 5.65
CA ASP A 225 -14.84 23.45 5.51
C ASP A 225 -14.67 21.98 5.19
N GLY A 226 -13.64 21.64 4.41
CA GLY A 226 -13.35 20.23 4.16
C GLY A 226 -12.80 19.52 5.38
N LEU A 227 -11.99 20.22 6.17
CA LEU A 227 -11.50 19.63 7.41
C LEU A 227 -12.63 19.40 8.40
N ASN A 228 -13.62 20.31 8.44
CA ASN A 228 -14.76 20.13 9.32
C ASN A 228 -15.63 18.96 8.87
N PHE A 229 -15.72 18.71 7.57
CA PHE A 229 -16.50 17.59 7.08
C PHE A 229 -15.85 16.25 7.45
N LEU A 230 -14.53 16.16 7.26
CA LEU A 230 -13.81 14.91 7.52
C LEU A 230 -13.65 14.60 9.00
N TRP A 231 -14.15 15.47 9.90
CA TRP A 231 -13.95 15.27 11.33
C TRP A 231 -15.24 15.46 12.12
N THR A 232 -16.39 15.27 11.49
CA THR A 232 -17.69 15.39 12.16
C THR A 232 -18.44 14.08 12.08
N PRO A 233 -18.59 13.35 13.19
CA PRO A 233 -19.31 12.06 13.24
C PRO A 233 -20.76 12.17 12.78
N ASP A 240 -24.16 0.88 9.42
CA ASP A 240 -23.94 0.40 8.06
C ASP A 240 -22.74 -0.54 8.01
N PRO A 241 -23.00 -1.81 7.66
CA PRO A 241 -21.88 -2.77 7.55
C PRO A 241 -20.87 -2.39 6.49
N GLY A 242 -21.31 -1.75 5.40
CA GLY A 242 -20.38 -1.39 4.34
C GLY A 242 -19.31 -0.40 4.79
N VAL A 243 -19.65 0.48 5.72
CA VAL A 243 -18.65 1.39 6.27
C VAL A 243 -17.62 0.62 7.11
N TRP A 244 -18.08 -0.34 7.90
CA TRP A 244 -17.17 -1.14 8.70
C TRP A 244 -16.25 -1.99 7.82
N ILE A 245 -16.78 -2.52 6.72
CA ILE A 245 -15.94 -3.24 5.76
C ILE A 245 -14.93 -2.28 5.14
N ALA A 246 -15.36 -1.06 4.82
CA ALA A 246 -14.47 -0.09 4.21
C ALA A 246 -13.37 0.34 5.17
N ALA A 247 -13.70 0.52 6.46
CA ALA A 247 -12.72 0.98 7.43
C ALA A 247 -11.68 -0.09 7.72
N VAL A 248 -12.10 -1.35 7.86
CA VAL A 248 -11.16 -2.42 8.15
C VAL A 248 -10.29 -2.70 6.93
N GLY A 249 -10.87 -2.68 5.73
CA GLY A 249 -10.08 -2.87 4.53
C GLY A 249 -9.05 -1.78 4.35
N ALA A 250 -9.43 -0.53 4.65
CA ALA A 250 -8.49 0.58 4.55
C ALA A 250 -7.34 0.41 5.53
N ILE A 251 -7.63 -0.03 6.75
CA ILE A 251 -6.59 -0.22 7.76
C ILE A 251 -5.58 -1.27 7.31
N PHE A 252 -6.05 -2.33 6.66
CA PHE A 252 -5.14 -3.34 6.13
C PHE A 252 -4.21 -2.74 5.09
N PHE A 253 -4.77 -2.04 4.10
CA PHE A 253 -3.97 -1.56 2.97
C PHE A 253 -2.99 -0.48 3.40
N THR A 254 -3.42 0.44 4.27
CA THR A 254 -2.56 1.57 4.64
C THR A 254 -1.40 1.13 5.52
N LEU A 255 -1.60 0.10 6.35
CA LEU A 255 -0.54 -0.38 7.23
C LEU A 255 0.28 -1.50 6.61
N SER A 256 -0.01 -1.86 5.34
CA SER A 256 0.68 -2.93 4.63
C SER A 256 0.53 -4.28 5.33
N LEU A 257 -0.59 -4.48 6.00
CA LEU A 257 -0.86 -5.74 6.69
C LEU A 257 -1.51 -6.73 5.74
N GLY A 258 -1.15 -8.00 5.89
CA GLY A 258 -1.67 -9.03 5.01
C GLY A 258 -0.96 -9.14 3.67
N PHE A 259 0.11 -8.39 3.46
CA PHE A 259 0.88 -8.47 2.22
C PHE A 259 2.16 -9.30 2.38
N GLY A 260 2.44 -9.82 3.56
CA GLY A 260 3.74 -10.40 3.81
C GLY A 260 4.92 -9.45 3.72
N ALA A 261 4.68 -8.14 3.66
CA ALA A 261 5.74 -7.13 3.56
C ALA A 261 6.33 -6.77 4.93
N ILE A 262 5.49 -6.52 5.92
CA ILE A 262 5.98 -6.28 7.28
C ILE A 262 6.78 -7.50 7.77
N ILE A 263 6.32 -8.70 7.43
CA ILE A 263 6.98 -9.92 7.89
C ILE A 263 8.38 -10.02 7.31
N THR A 264 8.53 -9.74 6.02
CA THR A 264 9.85 -9.85 5.39
C THR A 264 10.79 -8.77 5.90
N TYR A 265 10.31 -7.54 6.05
CA TYR A 265 11.14 -6.47 6.61
C TYR A 265 11.58 -6.81 8.03
N ALA A 266 10.65 -7.30 8.85
CA ALA A 266 10.97 -7.64 10.23
C ALA A 266 11.92 -8.82 10.33
N SER A 267 12.05 -9.63 9.28
CA SER A 267 12.99 -10.74 9.30
C SER A 267 14.44 -10.29 9.28
N TYR A 268 14.70 -9.03 8.97
CA TYR A 268 16.04 -8.46 9.03
C TYR A 268 16.29 -7.71 10.32
N VAL A 269 15.31 -7.69 11.22
CA VAL A 269 15.53 -7.21 12.59
C VAL A 269 16.22 -8.31 13.38
N ARG A 270 17.20 -7.93 14.20
CA ARG A 270 17.98 -8.91 14.94
C ARG A 270 17.11 -9.64 15.95
N LYS A 271 17.58 -10.81 16.37
CA LYS A 271 16.74 -11.75 17.11
C LYS A 271 16.21 -11.16 18.41
N ASP A 272 16.99 -10.29 19.06
CA ASP A 272 16.61 -9.76 20.37
C ASP A 272 16.26 -8.28 20.34
N GLN A 273 16.19 -7.66 19.16
CA GLN A 273 15.79 -6.27 19.08
C GLN A 273 14.32 -6.10 19.46
N ASP A 274 13.98 -4.87 19.82
CA ASP A 274 12.60 -4.55 20.16
C ASP A 274 11.73 -4.50 18.91
N ILE A 275 10.54 -5.09 19.00
CA ILE A 275 9.53 -4.94 17.97
C ILE A 275 8.27 -4.25 18.48
N VAL A 276 8.02 -4.27 19.79
CA VAL A 276 6.78 -3.69 20.33
C VAL A 276 6.75 -2.19 20.09
N LEU A 277 7.76 -1.47 20.60
CA LEU A 277 7.79 -0.02 20.43
C LEU A 277 8.08 0.35 18.98
N SER A 278 8.99 -0.37 18.32
CA SER A 278 9.35 -0.04 16.94
C SER A 278 8.15 -0.21 16.01
N GLY A 279 7.41 -1.30 16.16
CA GLY A 279 6.23 -1.51 15.33
C GLY A 279 5.14 -0.50 15.63
N LEU A 280 4.97 -0.16 16.91
CA LEU A 280 3.95 0.82 17.29
C LEU A 280 4.28 2.20 16.72
N THR A 281 5.56 2.55 16.67
CA THR A 281 5.95 3.86 16.15
C THR A 281 5.71 3.94 14.65
N ALA A 282 6.07 2.89 13.90
CA ALA A 282 5.87 2.90 12.46
C ALA A 282 4.39 2.93 12.10
N ALA A 283 3.57 2.18 12.82
CA ALA A 283 2.13 2.23 12.59
C ALA A 283 1.57 3.61 12.93
N THR A 284 2.08 4.23 14.00
CA THR A 284 1.61 5.56 14.37
C THR A 284 2.05 6.60 13.35
N LEU A 285 3.29 6.51 12.86
CA LEU A 285 3.76 7.42 11.83
C LEU A 285 2.88 7.36 10.59
N ASN A 286 2.45 6.16 10.19
CA ASN A 286 1.60 6.02 9.02
C ASN A 286 0.25 6.68 9.24
N GLU A 287 -0.36 6.46 10.41
CA GLU A 287 -1.66 7.05 10.68
C GLU A 287 -1.58 8.57 10.73
N LYS A 288 -0.48 9.11 11.25
CA LYS A 288 -0.30 10.56 11.22
C LYS A 288 -0.18 11.07 9.78
N ALA A 289 0.65 10.40 8.97
CA ALA A 289 0.81 10.81 7.58
C ALA A 289 -0.50 10.69 6.81
N GLU A 290 -1.34 9.72 7.16
CA GLU A 290 -2.57 9.50 6.41
C GLU A 290 -3.70 10.40 6.89
N VAL A 291 -3.90 10.46 8.21
CA VAL A 291 -5.06 11.16 8.73
C VAL A 291 -4.81 12.67 8.87
N ILE A 292 -3.58 13.08 9.13
CA ILE A 292 -3.27 14.50 9.28
C ILE A 292 -2.79 15.10 7.96
N LEU A 293 -1.82 14.47 7.31
CA LEU A 293 -1.27 15.00 6.08
C LEU A 293 -2.10 14.63 4.84
N GLY A 294 -2.47 13.34 4.72
CA GLY A 294 -3.17 12.91 3.52
C GLY A 294 -4.58 13.47 3.42
N GLY A 295 -5.30 13.51 4.54
CA GLY A 295 -6.67 14.01 4.53
C GLY A 295 -6.81 15.51 4.44
N SER A 296 -5.71 16.26 4.53
CA SER A 296 -5.74 17.71 4.55
C SER A 296 -5.36 18.34 3.21
N ILE A 297 -5.26 17.54 2.14
CA ILE A 297 -4.81 18.05 0.85
C ILE A 297 -5.92 17.91 -0.19
N SER A 298 -6.25 16.66 -0.54
CA SER A 298 -7.18 16.42 -1.64
C SER A 298 -8.56 16.99 -1.34
N ILE A 299 -9.20 16.52 -0.28
CA ILE A 299 -10.58 16.89 0.03
C ILE A 299 -10.70 18.37 0.39
N PRO A 300 -9.85 18.94 1.25
CA PRO A 300 -9.98 20.39 1.52
C PRO A 300 -9.84 21.25 0.27
N ALA A 301 -8.90 20.90 -0.62
CA ALA A 301 -8.76 21.67 -1.86
C ALA A 301 -9.99 21.54 -2.74
N ALA A 302 -10.67 20.40 -2.69
CA ALA A 302 -11.89 20.20 -3.47
C ALA A 302 -13.08 20.88 -2.82
N VAL A 303 -13.18 20.83 -1.50
CA VAL A 303 -14.24 21.54 -0.78
C VAL A 303 -14.06 23.04 -0.95
N ALA A 304 -12.82 23.51 -1.00
CA ALA A 304 -12.59 24.94 -1.18
C ALA A 304 -13.11 25.43 -2.52
N PHE A 305 -12.93 24.63 -3.58
CA PHE A 305 -13.32 25.03 -4.92
C PHE A 305 -14.73 24.61 -5.31
N PHE A 306 -15.30 23.60 -4.65
CA PHE A 306 -16.59 23.07 -5.06
C PHE A 306 -17.60 22.89 -3.93
N GLY A 307 -17.22 23.04 -2.68
CA GLY A 307 -18.10 22.80 -1.56
C GLY A 307 -18.10 21.36 -1.12
N VAL A 308 -18.75 21.11 0.02
CA VAL A 308 -18.76 19.78 0.61
C VAL A 308 -19.58 18.81 -0.25
N ALA A 309 -20.78 19.24 -0.65
CA ALA A 309 -21.68 18.35 -1.38
C ALA A 309 -21.07 17.90 -2.69
N ASN A 310 -20.40 18.80 -3.41
CA ASN A 310 -19.76 18.42 -4.66
C ASN A 310 -18.47 17.64 -4.43
N ALA A 311 -17.78 17.88 -3.31
CA ALA A 311 -16.55 17.14 -3.02
C ALA A 311 -16.85 15.66 -2.78
N VAL A 312 -17.93 15.37 -2.04
CA VAL A 312 -18.36 14.00 -1.88
C VAL A 312 -18.75 13.41 -3.23
N ALA A 313 -19.30 14.24 -4.12
CA ALA A 313 -19.60 13.77 -5.47
C ALA A 313 -18.32 13.53 -6.27
N ILE A 314 -17.32 14.40 -6.08
CA ILE A 314 -16.05 14.22 -6.78
C ILE A 314 -15.29 13.03 -6.22
N ALA A 315 -15.39 12.79 -4.91
CA ALA A 315 -14.69 11.67 -4.30
C ALA A 315 -15.25 10.34 -4.80
N LYS A 316 -16.56 10.26 -5.00
CA LYS A 316 -17.18 9.05 -5.53
C LYS A 316 -16.80 8.77 -6.97
N ALA A 317 -16.15 9.70 -7.65
CA ALA A 317 -15.69 9.51 -9.02
C ALA A 317 -14.39 8.73 -9.12
N GLY A 318 -13.76 8.40 -7.98
CA GLY A 318 -12.56 7.60 -8.00
C GLY A 318 -11.33 8.28 -7.43
N ALA A 319 -10.32 7.46 -7.08
CA ALA A 319 -9.08 8.01 -6.57
C ALA A 319 -8.26 8.65 -7.67
N PHE A 320 -8.13 7.97 -8.81
CA PHE A 320 -7.36 8.52 -9.93
C PHE A 320 -7.96 9.84 -10.42
N ASN A 321 -9.29 9.97 -10.35
CA ASN A 321 -9.93 11.19 -10.82
C ASN A 321 -9.56 12.39 -9.95
N LEU A 322 -9.50 12.18 -8.63
CA LEU A 322 -9.21 13.28 -7.72
C LEU A 322 -7.73 13.63 -7.69
N GLY A 323 -6.86 12.62 -7.79
CA GLY A 323 -5.43 12.83 -7.64
C GLY A 323 -4.71 13.18 -8.92
N PHE A 324 -5.25 12.76 -10.06
CA PHE A 324 -4.59 13.00 -11.34
C PHE A 324 -5.32 13.97 -12.25
N ILE A 325 -6.57 14.30 -11.94
CA ILE A 325 -7.34 15.20 -12.80
C ILE A 325 -7.82 16.40 -11.99
N THR A 326 -8.57 16.13 -10.92
CA THR A 326 -9.25 17.20 -10.19
C THR A 326 -8.24 18.08 -9.45
N LEU A 327 -7.32 17.48 -8.68
CA LEU A 327 -6.39 18.28 -7.90
C LEU A 327 -5.43 19.08 -8.77
N PRO A 328 -4.82 18.52 -9.82
CA PRO A 328 -4.00 19.38 -10.71
C PRO A 328 -4.81 20.46 -11.40
N ALA A 329 -6.09 20.21 -11.69
CA ALA A 329 -6.94 21.25 -12.28
C ALA A 329 -7.23 22.35 -11.25
N ILE A 330 -7.41 21.97 -9.98
CA ILE A 330 -7.59 22.96 -8.92
C ILE A 330 -6.33 23.79 -8.76
N PHE A 331 -5.16 23.14 -8.74
CA PHE A 331 -3.91 23.87 -8.59
C PHE A 331 -3.66 24.80 -9.77
N SER A 332 -4.10 24.40 -10.98
CA SER A 332 -3.91 25.23 -12.16
C SER A 332 -4.58 26.60 -12.05
N GLN A 333 -5.46 26.78 -11.06
CA GLN A 333 -6.16 28.04 -10.84
C GLN A 333 -5.50 28.88 -9.75
N THR A 334 -4.37 28.44 -9.22
CA THR A 334 -3.67 29.14 -8.16
C THR A 334 -2.28 29.57 -8.65
N ALA A 335 -1.71 30.54 -7.93
CA ALA A 335 -0.41 31.08 -8.31
C ALA A 335 0.68 30.03 -8.18
N GLY A 336 1.36 29.75 -9.28
CA GLY A 336 2.38 28.72 -9.28
C GLY A 336 1.84 27.33 -9.09
N GLY A 337 0.57 27.10 -9.46
CA GLY A 337 -0.04 25.79 -9.25
C GLY A 337 0.56 24.67 -10.06
N THR A 338 1.19 24.98 -11.20
CA THR A 338 1.90 23.96 -11.96
C THR A 338 3.05 23.39 -11.16
N PHE A 339 3.80 24.26 -10.47
CA PHE A 339 4.86 23.78 -9.59
C PHE A 339 4.28 23.08 -8.36
N LEU A 340 3.13 23.55 -7.87
CA LEU A 340 2.47 22.88 -6.76
C LEU A 340 2.00 21.49 -7.16
N GLY A 341 1.58 21.32 -8.42
CA GLY A 341 1.28 19.99 -8.93
C GLY A 341 2.50 19.10 -8.98
N PHE A 342 3.67 19.66 -9.29
CA PHE A 342 4.90 18.88 -9.28
C PHE A 342 5.22 18.40 -7.87
N LEU A 343 5.10 19.27 -6.87
CA LEU A 343 5.32 18.86 -5.49
C LEU A 343 4.35 17.77 -5.08
N TRP A 344 3.10 17.86 -5.57
CA TRP A 344 2.10 16.84 -5.26
C TRP A 344 2.47 15.51 -5.90
N PHE A 345 2.83 15.53 -7.19
CA PHE A 345 3.16 14.27 -7.87
C PHE A 345 4.50 13.72 -7.43
N PHE A 346 5.44 14.59 -7.04
CA PHE A 346 6.71 14.09 -6.49
C PHE A 346 6.52 13.53 -5.10
N LEU A 347 5.58 14.07 -4.33
CA LEU A 347 5.24 13.48 -3.04
C LEU A 347 4.69 12.07 -3.22
N LEU A 348 3.81 11.89 -4.22
CA LEU A 348 3.24 10.56 -4.46
C LEU A 348 4.28 9.57 -4.95
N PHE A 349 5.27 10.04 -5.72
CA PHE A 349 6.28 9.12 -6.24
C PHE A 349 7.17 8.57 -5.12
N PHE A 350 7.58 9.44 -4.20
CA PHE A 350 8.38 8.96 -3.07
C PHE A 350 7.54 8.11 -2.11
N ALA A 351 6.27 8.46 -1.94
CA ALA A 351 5.40 7.63 -1.11
C ALA A 351 5.21 6.25 -1.72
N GLY A 352 5.05 6.18 -3.05
CA GLY A 352 4.91 4.89 -3.70
C GLY A 352 6.22 4.13 -3.77
N LEU A 353 7.33 4.85 -4.01
CA LEU A 353 8.62 4.18 -4.16
C LEU A 353 9.06 3.50 -2.87
N THR A 354 8.85 4.14 -1.72
CA THR A 354 9.21 3.52 -0.46
C THR A 354 8.31 2.33 -0.11
N SER A 355 7.17 2.20 -0.78
CA SER A 355 6.24 1.10 -0.58
C SER A 355 6.38 0.00 -1.62
N SER A 356 6.66 0.34 -2.88
CA SER A 356 6.79 -0.68 -3.91
C SER A 356 8.01 -1.57 -3.66
N ILE A 357 9.10 -0.98 -3.17
CA ILE A 357 10.27 -1.79 -2.81
C ILE A 357 9.95 -2.73 -1.66
N ALA A 358 8.95 -2.40 -0.84
CA ALA A 358 8.59 -3.24 0.29
C ALA A 358 7.79 -4.46 -0.12
N ILE A 359 6.97 -4.35 -1.18
CA ILE A 359 6.18 -5.48 -1.64
C ILE A 359 6.87 -6.27 -2.74
N MET A 360 8.08 -5.88 -3.13
CA MET A 360 8.90 -6.69 -4.01
C MET A 360 9.98 -7.47 -3.26
N GLN A 361 10.30 -7.05 -2.05
CA GLN A 361 11.31 -7.70 -1.22
C GLN A 361 10.91 -9.11 -0.77
N PRO A 362 9.61 -9.40 -0.52
CA PRO A 362 9.25 -10.79 -0.21
C PRO A 362 9.67 -11.79 -1.28
N MET A 363 9.39 -11.50 -2.55
CA MET A 363 9.86 -12.38 -3.62
C MET A 363 11.38 -12.40 -3.68
N ILE A 364 12.02 -11.28 -3.37
CA ILE A 364 13.49 -11.25 -3.30
C ILE A 364 13.97 -12.13 -2.16
N ALA A 365 13.39 -11.96 -0.97
CA ALA A 365 13.83 -12.74 0.19
C ALA A 365 13.59 -14.22 0.00
N PHE A 366 12.51 -14.60 -0.70
CA PHE A 366 12.25 -16.00 -0.95
C PHE A 366 13.31 -16.61 -1.85
N LEU A 367 13.62 -15.94 -2.97
CA LEU A 367 14.64 -16.45 -3.87
C LEU A 367 16.01 -16.50 -3.19
N GLU A 368 16.26 -15.59 -2.25
CA GLU A 368 17.51 -15.61 -1.49
C GLU A 368 17.50 -16.73 -0.44
N ASP A 369 16.49 -16.74 0.44
CA ASP A 369 16.50 -17.64 1.58
C ASP A 369 16.27 -19.09 1.16
N GLU A 370 15.31 -19.32 0.27
CA GLU A 370 14.87 -20.68 -0.02
C GLU A 370 15.46 -21.27 -1.29
N LEU A 371 15.79 -20.45 -2.28
CA LEU A 371 16.45 -20.93 -3.49
C LEU A 371 17.91 -20.52 -3.57
N LYS A 372 18.44 -19.88 -2.53
CA LYS A 372 19.86 -19.55 -2.43
C LYS A 372 20.36 -18.73 -3.62
N LEU A 373 19.50 -17.84 -4.12
CA LEU A 373 19.91 -16.91 -5.16
C LEU A 373 20.67 -15.74 -4.55
N SER A 374 21.67 -15.24 -5.27
CA SER A 374 22.32 -14.01 -4.87
C SER A 374 21.32 -12.87 -4.90
N ARG A 375 21.57 -11.85 -4.08
CA ARG A 375 20.69 -10.69 -4.04
C ARG A 375 20.52 -10.07 -5.43
N LYS A 376 21.62 -9.97 -6.18
CA LYS A 376 21.54 -9.42 -7.54
C LYS A 376 20.59 -10.25 -8.39
N HIS A 377 20.73 -11.58 -8.35
CA HIS A 377 19.85 -12.44 -9.14
C HIS A 377 18.41 -12.36 -8.64
N ALA A 378 18.22 -12.42 -7.33
CA ALA A 378 16.86 -12.38 -6.78
C ALA A 378 16.14 -11.09 -7.18
N VAL A 379 16.85 -9.96 -7.11
CA VAL A 379 16.23 -8.67 -7.44
C VAL A 379 15.90 -8.61 -8.94
N LEU A 380 16.84 -9.02 -9.80
CA LEU A 380 16.63 -8.92 -11.24
C LEU A 380 15.52 -9.84 -11.72
N TRP A 381 15.45 -11.06 -11.17
CA TRP A 381 14.36 -11.96 -11.57
C TRP A 381 13.02 -11.48 -11.03
N THR A 382 13.00 -10.97 -9.80
CA THR A 382 11.78 -10.38 -9.27
C THR A 382 11.32 -9.20 -10.11
N ALA A 383 12.28 -8.37 -10.54
CA ALA A 383 11.95 -7.26 -11.43
C ALA A 383 11.45 -7.75 -12.78
N ALA A 384 12.03 -8.84 -13.29
CA ALA A 384 11.58 -9.41 -14.56
C ALA A 384 10.14 -9.90 -14.47
N ILE A 385 9.78 -10.53 -13.35
CA ILE A 385 8.41 -11.03 -13.20
C ILE A 385 7.43 -9.86 -13.11
N VAL A 386 7.76 -8.84 -12.32
CA VAL A 386 6.86 -7.70 -12.17
C VAL A 386 6.75 -6.93 -13.48
N PHE A 387 7.87 -6.67 -14.14
CA PHE A 387 7.85 -5.89 -15.38
C PHE A 387 7.04 -6.60 -16.46
N PHE A 388 7.26 -7.90 -16.63
CA PHE A 388 6.50 -8.66 -17.63
C PHE A 388 5.02 -8.67 -17.29
N SER A 389 4.68 -9.08 -16.07
CA SER A 389 3.28 -9.21 -15.69
C SER A 389 2.54 -7.88 -15.75
N ALA A 390 3.26 -6.77 -15.55
CA ALA A 390 2.61 -5.46 -15.55
C ALA A 390 2.04 -5.07 -16.90
N HIS A 391 2.47 -5.74 -17.99
CA HIS A 391 1.90 -5.44 -19.28
C HIS A 391 0.41 -5.77 -19.35
N LEU A 392 -0.06 -6.67 -18.48
CA LEU A 392 -1.49 -6.91 -18.38
C LEU A 392 -2.21 -5.68 -17.82
N VAL A 393 -1.64 -5.09 -16.75
CA VAL A 393 -2.23 -3.88 -16.17
C VAL A 393 -2.12 -2.71 -17.14
N MET A 394 -1.07 -2.67 -17.97
CA MET A 394 -0.87 -1.54 -18.87
C MET A 394 -1.77 -1.60 -20.10
N PHE A 395 -2.18 -2.79 -20.54
CA PHE A 395 -2.90 -2.91 -21.81
C PHE A 395 -4.32 -3.41 -21.68
N LEU A 396 -4.69 -4.11 -20.61
CA LEU A 396 -6.04 -4.63 -20.43
C LEU A 396 -6.79 -3.69 -19.49
N ASN A 397 -7.87 -3.09 -20.00
CA ASN A 397 -8.66 -2.18 -19.19
C ASN A 397 -9.30 -2.93 -18.04
N LYS A 398 -9.21 -2.35 -16.84
CA LYS A 398 -9.77 -2.86 -15.59
C LYS A 398 -9.06 -4.10 -15.08
N SER A 399 -7.96 -4.51 -15.71
CA SER A 399 -7.15 -5.59 -15.15
C SER A 399 -6.55 -5.17 -13.82
N LEU A 400 -6.15 -3.90 -13.70
CA LEU A 400 -5.70 -3.35 -12.43
C LEU A 400 -6.75 -3.54 -11.33
N ASP A 401 -8.02 -3.25 -11.65
CA ASP A 401 -9.08 -3.38 -10.66
C ASP A 401 -9.27 -4.82 -10.24
N GLU A 402 -9.06 -5.78 -11.14
CA GLU A 402 -9.24 -7.18 -10.79
C GLU A 402 -8.16 -7.66 -9.84
N MET A 403 -6.91 -7.24 -10.07
CA MET A 403 -5.81 -7.63 -9.19
C MET A 403 -5.95 -6.98 -7.82
N ASP A 404 -6.29 -5.69 -7.79
CA ASP A 404 -6.46 -4.99 -6.53
C ASP A 404 -7.56 -5.61 -5.68
N PHE A 405 -8.57 -6.18 -6.31
CA PHE A 405 -9.66 -6.81 -5.55
C PHE A 405 -9.22 -8.12 -4.93
N TRP A 406 -8.70 -9.05 -5.74
CA TRP A 406 -8.38 -10.37 -5.23
C TRP A 406 -7.21 -10.33 -4.25
N ALA A 407 -6.11 -9.69 -4.64
CA ALA A 407 -4.92 -9.65 -3.81
C ALA A 407 -5.00 -8.53 -2.77
N GLY A 408 -5.17 -7.29 -3.23
CA GLY A 408 -5.07 -6.14 -2.34
C GLY A 408 -6.28 -5.90 -1.46
N THR A 409 -7.43 -6.51 -1.78
CA THR A 409 -8.65 -6.32 -1.00
C THR A 409 -9.03 -7.63 -0.29
N ILE A 410 -9.46 -8.64 -1.03
CA ILE A 410 -9.86 -9.91 -0.42
C ILE A 410 -8.66 -10.61 0.21
N GLY A 411 -7.55 -10.68 -0.53
CA GLY A 411 -6.44 -11.51 -0.10
C GLY A 411 -5.84 -11.07 1.22
N VAL A 412 -5.73 -9.75 1.45
CA VAL A 412 -5.03 -9.26 2.64
C VAL A 412 -5.83 -9.56 3.90
N VAL A 413 -7.16 -9.45 3.83
CA VAL A 413 -7.98 -9.76 5.00
C VAL A 413 -7.97 -11.25 5.27
N PHE A 414 -8.07 -12.07 4.21
CA PHE A 414 -7.96 -13.51 4.36
C PHE A 414 -6.60 -13.89 4.94
N PHE A 415 -5.53 -13.26 4.45
CA PHE A 415 -4.20 -13.61 4.93
C PHE A 415 -3.94 -13.09 6.34
N GLY A 416 -4.52 -11.94 6.69
CA GLY A 416 -4.37 -11.43 8.04
C GLY A 416 -4.99 -12.34 9.08
N LEU A 417 -6.20 -12.84 8.82
CA LEU A 417 -6.81 -13.83 9.71
C LEU A 417 -6.03 -15.14 9.70
N THR A 418 -5.47 -15.53 8.55
CA THR A 418 -4.73 -16.78 8.46
C THR A 418 -3.50 -16.75 9.35
N GLU A 419 -2.67 -15.72 9.21
CA GLU A 419 -1.42 -15.65 9.98
C GLU A 419 -1.68 -15.53 11.47
N LEU A 420 -2.77 -14.86 11.86
CA LEU A 420 -3.10 -14.76 13.28
C LEU A 420 -3.48 -16.12 13.85
N ILE A 421 -4.29 -16.89 13.11
CA ILE A 421 -4.67 -18.22 13.58
C ILE A 421 -3.45 -19.13 13.68
N ILE A 422 -2.53 -19.01 12.72
CA ILE A 422 -1.34 -19.84 12.76
C ILE A 422 -0.45 -19.45 13.93
N PHE A 423 -0.24 -18.14 14.14
CA PHE A 423 0.69 -17.69 15.17
C PHE A 423 0.08 -17.78 16.56
N PHE A 424 -1.15 -17.29 16.73
CA PHE A 424 -1.75 -17.14 18.05
C PHE A 424 -2.65 -18.30 18.46
N TRP A 425 -3.02 -19.19 17.54
CA TRP A 425 -3.81 -20.36 17.88
C TRP A 425 -3.04 -21.65 17.66
N ILE A 426 -2.55 -21.91 16.45
CA ILE A 426 -1.88 -23.16 16.15
C ILE A 426 -0.51 -23.21 16.82
N PHE A 427 0.26 -22.12 16.68
CA PHE A 427 1.58 -22.08 17.30
C PHE A 427 1.50 -21.97 18.81
N GLY A 428 0.41 -21.42 19.33
CA GLY A 428 0.24 -21.25 20.75
C GLY A 428 0.11 -19.80 21.16
N ALA A 429 -0.97 -19.47 21.88
CA ALA A 429 -1.21 -18.10 22.28
C ALA A 429 -0.16 -17.61 23.28
N ASP A 430 0.25 -18.47 24.20
CA ASP A 430 1.26 -18.07 25.18
C ASP A 430 2.64 -17.98 24.55
N LYS A 431 2.96 -18.88 23.61
CA LYS A 431 4.25 -18.82 22.93
C LYS A 431 4.34 -17.60 22.02
N ALA A 432 3.25 -17.26 21.34
CA ALA A 432 3.26 -16.08 20.47
C ALA A 432 3.35 -14.80 21.28
N TRP A 433 2.59 -14.70 22.36
CA TRP A 433 2.62 -13.51 23.21
C TRP A 433 4.01 -13.28 23.78
N GLU A 434 4.65 -14.35 24.26
CA GLU A 434 6.02 -14.24 24.75
C GLU A 434 6.99 -13.87 23.63
N GLU A 435 6.72 -14.33 22.41
CA GLU A 435 7.57 -14.00 21.28
C GLU A 435 7.41 -12.53 20.87
N ILE A 436 6.21 -11.97 21.05
CA ILE A 436 5.98 -10.58 20.67
C ILE A 436 6.72 -9.65 21.62
N ASN A 437 6.55 -9.85 22.93
CA ASN A 437 7.11 -8.96 23.93
C ASN A 437 8.60 -9.18 24.18
N ARG A 438 9.18 -10.26 23.66
CA ARG A 438 10.58 -10.56 23.94
C ARG A 438 11.48 -9.48 23.35
N GLY A 439 12.35 -8.93 24.19
CA GLY A 439 13.25 -7.87 23.80
C GLY A 439 12.60 -6.52 23.59
N GLY A 440 11.31 -6.37 23.90
CA GLY A 440 10.64 -5.12 23.67
C GLY A 440 11.08 -4.05 24.65
N ILE A 441 11.31 -2.85 24.14
CA ILE A 441 11.58 -1.69 25.00
C ILE A 441 10.40 -1.47 25.95
N ILE A 442 9.18 -1.59 25.43
CA ILE A 442 7.97 -1.61 26.24
C ILE A 442 7.26 -2.93 25.99
N LYS A 443 6.37 -3.29 26.91
CA LYS A 443 5.59 -4.51 26.79
C LYS A 443 4.21 -4.19 26.21
N VAL A 444 3.70 -5.13 25.43
CA VAL A 444 2.35 -4.97 24.88
C VAL A 444 1.35 -4.96 26.04
N PRO A 445 0.40 -4.03 26.06
CA PRO A 445 -0.61 -4.04 27.14
C PRO A 445 -1.32 -5.38 27.21
N ARG A 446 -1.47 -5.88 28.44
CA ARG A 446 -2.05 -7.22 28.65
C ARG A 446 -3.45 -7.34 28.08
N ILE A 447 -4.16 -6.22 27.89
CA ILE A 447 -5.48 -6.29 27.30
C ILE A 447 -5.39 -6.74 25.84
N TYR A 448 -4.27 -6.46 25.17
CA TYR A 448 -4.14 -6.84 23.77
C TYR A 448 -3.92 -8.34 23.60
N TYR A 449 -3.51 -9.05 24.64
CA TYR A 449 -3.42 -10.51 24.56
C TYR A 449 -4.77 -11.13 24.25
N TYR A 450 -5.83 -10.63 24.90
CA TYR A 450 -7.17 -11.16 24.66
C TYR A 450 -7.77 -10.62 23.37
N VAL A 451 -7.35 -9.42 22.95
CA VAL A 451 -7.78 -8.91 21.64
C VAL A 451 -7.17 -9.75 20.53
N MET A 452 -5.88 -10.11 20.66
CA MET A 452 -5.23 -10.92 19.65
C MET A 452 -5.82 -12.32 19.57
N ARG A 453 -6.10 -12.93 20.73
CA ARG A 453 -6.56 -14.32 20.75
C ARG A 453 -8.04 -14.45 20.42
N TYR A 454 -8.85 -13.45 20.76
CA TYR A 454 -10.29 -13.59 20.62
C TYR A 454 -10.92 -12.49 19.77
N ILE A 455 -10.66 -11.23 20.12
CA ILE A 455 -11.41 -10.12 19.50
C ILE A 455 -11.04 -9.95 18.04
N THR A 456 -9.73 -9.88 17.74
CA THR A 456 -9.31 -9.66 16.36
C THR A 456 -9.76 -10.75 15.41
N PRO A 457 -9.58 -12.05 15.71
CA PRO A 457 -10.10 -13.06 14.77
C PRO A 457 -11.62 -13.08 14.70
N ALA A 458 -12.31 -12.78 15.80
CA ALA A 458 -13.77 -12.69 15.75
C ALA A 458 -14.21 -11.48 14.94
N PHE A 459 -13.52 -10.35 15.09
CA PHE A 459 -13.83 -9.17 14.29
C PHE A 459 -13.64 -9.45 12.81
N LEU A 460 -12.54 -10.10 12.44
CA LEU A 460 -12.28 -10.38 11.03
C LEU A 460 -13.25 -11.41 10.49
N ALA A 461 -13.47 -12.50 11.24
CA ALA A 461 -14.34 -13.57 10.76
C ALA A 461 -15.77 -13.07 10.53
N VAL A 462 -16.28 -12.22 11.42
CA VAL A 462 -17.64 -11.71 11.28
C VAL A 462 -17.75 -10.81 10.05
N LEU A 463 -16.86 -9.83 9.94
CA LEU A 463 -16.94 -8.90 8.81
C LEU A 463 -16.60 -9.59 7.49
N LEU A 464 -15.80 -10.65 7.54
CA LEU A 464 -15.47 -11.38 6.32
C LEU A 464 -16.63 -12.25 5.84
N VAL A 465 -17.48 -12.71 6.75
CA VAL A 465 -18.64 -13.52 6.36
C VAL A 465 -19.70 -12.63 5.71
N VAL A 466 -20.02 -11.50 6.35
CA VAL A 466 -20.94 -10.54 5.75
C VAL A 466 -20.44 -10.10 4.38
N TRP A 467 -19.13 -9.89 4.26
CA TRP A 467 -18.54 -9.52 2.97
C TRP A 467 -18.78 -10.60 1.93
N ALA A 468 -18.47 -11.85 2.27
CA ALA A 468 -18.64 -12.94 1.31
C ALA A 468 -20.12 -13.20 1.03
N ARG A 469 -20.97 -13.10 2.05
CA ARG A 469 -22.36 -13.50 1.88
C ARG A 469 -23.21 -12.41 1.24
N GLU A 470 -22.86 -11.13 1.43
CA GLU A 470 -23.74 -10.04 1.02
C GLU A 470 -23.19 -9.14 -0.07
N TYR A 471 -21.91 -9.25 -0.45
CA TYR A 471 -21.36 -8.25 -1.36
C TYR A 471 -20.61 -8.82 -2.56
N ILE A 472 -19.95 -9.96 -2.40
CA ILE A 472 -19.11 -10.52 -3.46
C ILE A 472 -19.92 -10.91 -4.69
N PRO A 473 -21.09 -11.57 -4.57
CA PRO A 473 -21.84 -11.87 -5.79
C PRO A 473 -22.20 -10.64 -6.63
N HIS A 480 -17.67 -8.29 -17.10
CA HIS A 480 -17.23 -8.57 -18.45
C HIS A 480 -16.28 -9.77 -18.48
N TRP A 481 -16.26 -10.50 -19.59
CA TRP A 481 -15.50 -11.74 -19.67
C TRP A 481 -14.00 -11.51 -19.59
N THR A 482 -13.53 -10.29 -19.83
CA THR A 482 -12.09 -10.02 -19.79
C THR A 482 -11.50 -10.14 -18.40
N VAL A 483 -12.34 -10.19 -17.34
CA VAL A 483 -11.78 -10.37 -16.01
C VAL A 483 -11.13 -11.75 -15.88
N TRP A 484 -11.57 -12.72 -16.68
CA TRP A 484 -10.98 -14.05 -16.64
C TRP A 484 -9.54 -14.03 -17.14
N ILE A 485 -9.19 -13.10 -18.03
CA ILE A 485 -7.81 -12.96 -18.46
C ILE A 485 -6.91 -12.67 -17.27
N THR A 486 -7.35 -11.75 -16.39
CA THR A 486 -6.57 -11.43 -15.21
C THR A 486 -6.62 -12.56 -14.18
N ARG A 487 -7.80 -13.12 -13.96
CA ARG A 487 -7.93 -14.25 -13.03
C ARG A 487 -7.10 -15.42 -13.50
N PHE A 488 -7.10 -15.71 -14.80
CA PHE A 488 -6.31 -16.81 -15.33
C PHE A 488 -4.82 -16.58 -15.07
N TYR A 489 -4.35 -15.35 -15.27
CA TYR A 489 -2.92 -15.09 -15.14
C TYR A 489 -2.48 -15.10 -13.68
N ILE A 490 -3.27 -14.51 -12.78
CA ILE A 490 -2.83 -14.48 -11.39
C ILE A 490 -3.02 -15.82 -10.70
N ILE A 491 -3.98 -16.63 -11.16
CA ILE A 491 -4.04 -18.01 -10.68
C ILE A 491 -2.80 -18.78 -11.11
N GLY A 492 -2.32 -18.53 -12.34
CA GLY A 492 -1.08 -19.15 -12.78
C GLY A 492 0.12 -18.67 -11.99
N LEU A 493 0.11 -17.41 -11.56
CA LEU A 493 1.17 -16.92 -10.70
C LEU A 493 1.22 -17.70 -9.39
N PHE A 494 0.06 -18.05 -8.84
CA PHE A 494 0.02 -18.84 -7.62
C PHE A 494 0.58 -20.24 -7.86
N LEU A 495 0.22 -20.86 -9.00
CA LEU A 495 0.75 -22.17 -9.33
C LEU A 495 2.26 -22.11 -9.53
N PHE A 496 2.75 -21.06 -10.21
CA PHE A 496 4.18 -20.90 -10.40
C PHE A 496 4.91 -20.73 -9.07
N LEU A 497 4.33 -19.95 -8.16
CA LEU A 497 4.96 -19.76 -6.85
C LEU A 497 4.89 -21.03 -6.03
N THR A 498 3.80 -21.78 -6.14
CA THR A 498 3.71 -23.08 -5.48
C THR A 498 4.80 -24.03 -5.98
N PHE A 499 5.07 -24.01 -7.29
CA PHE A 499 6.12 -24.86 -7.85
C PHE A 499 7.49 -24.46 -7.32
N LEU A 500 7.73 -23.16 -7.13
CA LEU A 500 9.00 -22.73 -6.56
C LEU A 500 9.16 -23.19 -5.12
N VAL A 501 8.07 -23.14 -4.34
CA VAL A 501 8.12 -23.68 -2.98
C VAL A 501 8.40 -25.17 -3.02
N PHE A 502 7.80 -25.88 -3.98
CA PHE A 502 8.09 -27.30 -4.16
C PHE A 502 9.56 -27.53 -4.47
N LEU A 503 10.12 -26.73 -5.39
CA LEU A 503 11.53 -26.88 -5.73
C LEU A 503 12.43 -26.53 -4.55
N ALA A 504 12.00 -25.62 -3.68
CA ALA A 504 12.75 -25.34 -2.47
C ALA A 504 12.71 -26.50 -1.49
N GLU A 505 11.60 -27.26 -1.48
CA GLU A 505 11.53 -28.46 -0.65
C GLU A 505 12.49 -29.53 -1.15
N ARG A 506 12.47 -29.80 -2.45
CA ARG A 506 13.29 -30.86 -3.03
C ARG A 506 14.77 -30.66 -2.75
N ARG A 507 15.23 -29.40 -2.74
CA ARG A 507 16.64 -29.14 -2.44
C ARG A 507 16.99 -29.55 -1.02
N ARG A 508 16.06 -29.45 -0.08
CA ARG A 508 16.30 -29.84 1.30
C ARG A 508 15.84 -31.27 1.56
N LEU B . 0.82 0.60 2.75
CA LEU B . 0.92 1.00 1.36
C LEU B . 0.14 2.29 1.11
O LEU B . 0.05 2.78 -0.01
CB LEU B . 0.40 -0.10 0.43
CG LEU B . 1.13 -1.44 0.50
CD1 LEU B . 0.61 -2.38 -0.58
CD2 LEU B . 2.63 -1.26 0.39
OXT LEU B . -0.42 2.86 2.04
NA NA C . -0.46 3.80 4.30
NA NA D . 5.89 4.15 0.84
C1 BOG E . 5.56 -0.43 -26.49
O1 BOG E . 5.64 -1.79 -26.62
C2 BOG E . 5.67 0.24 -27.84
O2 BOG E . 6.99 0.04 -28.38
C3 BOG E . 5.40 1.70 -27.77
O3 BOG E . 5.39 2.26 -29.10
C4 BOG E . 4.08 1.98 -27.11
O4 BOG E . 3.93 3.40 -26.98
C5 BOG E . 4.00 1.33 -25.73
O5 BOG E . 4.27 -0.12 -25.79
C6 BOG E . 2.63 1.51 -25.15
O6 BOG E . 1.73 1.91 -26.14
C1' BOG E . 5.28 -2.46 -25.45
C2' BOG E . 5.98 -3.83 -25.39
C3' BOG E . 5.17 -4.84 -26.20
C4' BOG E . 5.55 -6.25 -25.76
C5' BOG E . 4.63 -7.26 -26.43
C6' BOG E . 4.85 -8.63 -25.83
C7' BOG E . 4.53 -8.60 -24.34
C8' BOG E . 3.96 -9.96 -23.93
#